data_4EZR
#
_entry.id   4EZR
#
_cell.length_a   93.804
_cell.length_b   116.433
_cell.length_c   36.992
_cell.angle_alpha   90.00
_cell.angle_beta   90.00
_cell.angle_gamma   90.00
#
_symmetry.space_group_name_H-M   'I 2 2 2'
#
loop_
_entity.id
_entity.type
_entity.pdbx_description
1 polymer 'Chaperone protein DnaK'
2 polymer Drosocin
3 water water
#
loop_
_entity_poly.entity_id
_entity_poly.type
_entity_poly.pdbx_seq_one_letter_code
_entity_poly.pdbx_strand_id
1 'polypeptide(L)'
;VLLLDVTPLSLGIETMGGVMTTLIAKNTTIPTKHSQVFSTAEDNQSAVTIHVLQGERKRAADNKSLGQFNLDGINPAPRG
MPQIEVTFDIDADGILHVSAKDKNSGKEQKITIKASSGLNEDEIQKMVRDAEANAEADRKFEELVQTRNQGDHLLHSTRK
QVEEAGDKLPADDKTAIESALTALETALKGEDKAAIEAKMQELAQVSQKLMEIAQQQHA
;
A
2 'polypeptide(L)' SHPRPIRV B
#
# COMPACT_ATOMS: atom_id res chain seq x y z
N VAL A 1 -17.08 0.97 35.06
CA VAL A 1 -17.95 0.45 33.96
C VAL A 1 -17.91 -1.07 33.95
N LEU A 2 -19.04 -1.69 33.69
CA LEU A 2 -19.16 -3.12 33.60
C LEU A 2 -19.05 -3.56 32.18
N LEU A 3 -19.10 -2.63 31.24
CA LEU A 3 -18.90 -2.95 29.83
C LEU A 3 -18.02 -1.92 29.23
N LEU A 4 -17.34 -2.33 28.17
CA LEU A 4 -16.52 -1.46 27.39
C LEU A 4 -16.84 -1.76 25.93
N ASP A 5 -17.23 -0.75 25.18
CA ASP A 5 -17.41 -0.88 23.75
C ASP A 5 -16.05 -0.87 23.06
N VAL A 6 -15.65 -2.04 22.54
CA VAL A 6 -14.38 -2.18 21.80
C VAL A 6 -14.54 -2.81 20.41
N THR A 7 -13.58 -2.56 19.51
CA THR A 7 -13.67 -3.09 18.16
C THR A 7 -13.30 -4.57 18.19
N PRO A 8 -14.16 -5.44 17.65
CA PRO A 8 -13.81 -6.86 17.77
C PRO A 8 -12.71 -7.21 16.80
N LEU A 9 -12.51 -6.38 15.75
CA LEU A 9 -11.57 -6.71 14.69
C LEU A 9 -10.87 -5.47 14.20
N SER A 10 -9.68 -5.63 13.62
CA SER A 10 -9.01 -4.44 13.07
C SER A 10 -9.81 -3.88 11.88
N LEU A 11 -9.65 -2.58 11.68
CA LEU A 11 -10.24 -1.83 10.54
C LEU A 11 -9.10 -1.07 9.84
N GLY A 12 -9.10 -1.19 8.52
CA GLY A 12 -8.14 -0.51 7.70
C GLY A 12 -8.49 -0.45 6.24
N ILE A 13 -7.46 -0.25 5.44
CA ILE A 13 -7.58 -0.14 4.00
C ILE A 13 -6.63 -1.06 3.27
N GLU A 14 -7.01 -1.38 2.06
CA GLU A 14 -6.10 -2.08 1.18
C GLU A 14 -5.07 -1.11 0.64
N THR A 15 -3.78 -1.46 0.80
CA THR A 15 -2.68 -0.65 0.17
C THR A 15 -1.99 -1.48 -0.94
N MET A 16 -1.07 -0.85 -1.66
CA MET A 16 -0.40 -1.43 -2.84
CA MET A 16 -0.51 -1.47 -2.86
C MET A 16 0.10 -2.82 -2.55
N GLY A 17 -0.24 -3.78 -3.42
CA GLY A 17 0.20 -5.15 -3.30
C GLY A 17 -0.90 -6.01 -2.68
N GLY A 18 -2.07 -5.41 -2.40
CA GLY A 18 -3.20 -6.22 -1.87
C GLY A 18 -3.05 -6.60 -0.40
N VAL A 19 -2.40 -5.74 0.38
CA VAL A 19 -2.24 -5.97 1.80
C VAL A 19 -3.19 -5.03 2.57
N MET A 20 -3.71 -5.50 3.71
CA MET A 20 -4.48 -4.65 4.64
C MET A 20 -3.56 -3.80 5.52
N THR A 21 -3.84 -2.54 5.59
CA THR A 21 -3.02 -1.69 6.41
C THR A 21 -3.98 -1.20 7.47
N THR A 22 -3.65 -1.39 8.75
CA THR A 22 -4.63 -1.16 9.79
C THR A 22 -4.62 0.29 10.17
N LEU A 23 -5.83 0.82 10.32
CA LEU A 23 -5.99 2.18 10.87
C LEU A 23 -6.46 2.15 12.29
N ILE A 24 -7.36 1.23 12.63
CA ILE A 24 -7.79 1.16 14.02
C ILE A 24 -7.54 -0.27 14.48
N ALA A 25 -6.61 -0.46 15.44
CA ALA A 25 -6.31 -1.84 15.90
C ALA A 25 -7.54 -2.52 16.58
N LYS A 26 -7.63 -3.83 16.37
CA LYS A 26 -8.49 -4.70 17.14
C LYS A 26 -8.42 -4.39 18.63
N ASN A 27 -9.58 -4.40 19.28
CA ASN A 27 -9.74 -4.11 20.72
C ASN A 27 -9.54 -2.65 21.10
N THR A 28 -9.85 -1.72 20.19
CA THR A 28 -9.69 -0.29 20.49
C THR A 28 -11.01 0.13 21.09
N THR A 29 -10.98 0.94 22.16
CA THR A 29 -12.25 1.42 22.75
C THR A 29 -12.75 2.54 21.86
N ILE A 30 -14.06 2.56 21.60
CA ILE A 30 -14.63 3.67 20.87
C ILE A 30 -15.34 4.58 21.86
N PRO A 31 -15.53 5.87 21.50
CA PRO A 31 -15.20 6.48 20.20
C PRO A 31 -13.71 6.68 19.97
N THR A 32 -13.31 6.64 18.70
CA THR A 32 -11.93 6.81 18.33
C THR A 32 -11.75 7.39 16.92
N LYS A 33 -10.58 7.94 16.66
CA LYS A 33 -10.31 8.65 15.40
C LYS A 33 -8.80 8.56 15.14
N HIS A 34 -8.44 7.91 14.03
CA HIS A 34 -7.03 7.78 13.64
C HIS A 34 -6.92 8.14 12.20
N SER A 35 -5.75 8.66 11.85
CA SER A 35 -5.49 8.98 10.49
C SER A 35 -4.08 8.54 10.06
N GLN A 36 -3.89 8.33 8.76
CA GLN A 36 -2.54 8.15 8.26
C GLN A 36 -2.50 8.73 6.89
N VAL A 37 -1.31 9.10 6.45
CA VAL A 37 -1.20 9.72 5.12
C VAL A 37 -0.57 8.74 4.17
N PHE A 38 -1.22 8.58 3.01
CA PHE A 38 -0.77 7.64 1.97
C PHE A 38 -0.42 8.43 0.68
N SER A 39 0.12 7.77 -0.35
CA SER A 39 0.42 8.45 -1.59
C SER A 39 0.05 7.58 -2.80
N THR A 40 0.51 7.99 -3.98
CA THR A 40 0.13 7.31 -5.25
C THR A 40 1.23 6.32 -5.61
N ALA A 41 0.90 5.22 -6.30
CA ALA A 41 1.92 4.23 -6.76
C ALA A 41 2.49 4.57 -8.13
N GLU A 42 1.84 5.42 -8.88
CA GLU A 42 2.27 5.68 -10.26
C GLU A 42 2.48 7.15 -10.55
N ASP A 43 3.43 7.47 -11.43
CA ASP A 43 3.51 8.81 -11.96
C ASP A 43 2.18 9.28 -12.59
N ASN A 44 1.78 10.51 -12.29
CA ASN A 44 0.57 11.06 -12.92
C ASN A 44 -0.73 10.34 -12.57
N GLN A 45 -0.73 9.53 -11.51
CA GLN A 45 -1.98 8.92 -11.07
C GLN A 45 -3.01 9.99 -10.69
N SER A 46 -4.24 9.86 -11.20
CA SER A 46 -5.23 10.93 -11.01
C SER A 46 -6.27 10.59 -9.94
N ALA A 47 -6.29 9.33 -9.49
CA ALA A 47 -7.31 8.89 -8.54
C ALA A 47 -6.77 7.71 -7.72
N VAL A 48 -7.22 7.59 -6.49
CA VAL A 48 -7.01 6.32 -5.72
C VAL A 48 -8.32 5.73 -5.30
N THR A 49 -8.29 4.42 -5.07
CA THR A 49 -9.42 3.73 -4.51
C THR A 49 -9.15 3.41 -3.05
N ILE A 50 -10.03 3.90 -2.19
CA ILE A 50 -10.02 3.53 -0.76
C ILE A 50 -10.94 2.36 -0.49
N HIS A 51 -10.32 1.19 -0.24
CA HIS A 51 -11.03 -0.05 0.01
C HIS A 51 -10.89 -0.39 1.48
N VAL A 52 -12.01 -0.23 2.17
CA VAL A 52 -12.14 -0.39 3.65
C VAL A 52 -12.35 -1.87 4.04
N LEU A 53 -11.51 -2.30 4.98
CA LEU A 53 -11.45 -3.69 5.34
C LEU A 53 -11.64 -3.89 6.81
N GLN A 54 -12.27 -5.00 7.13
CA GLN A 54 -12.33 -5.44 8.54
C GLN A 54 -11.70 -6.82 8.68
N GLY A 55 -10.76 -6.94 9.61
CA GLY A 55 -10.28 -8.32 9.95
C GLY A 55 -8.81 -8.27 10.35
N GLU A 56 -8.18 -9.44 10.52
CA GLU A 56 -6.84 -9.56 11.11
C GLU A 56 -5.79 -10.21 10.17
N ARG A 57 -6.18 -10.44 8.94
CA ARG A 57 -5.35 -11.13 7.95
C ARG A 57 -4.50 -10.09 7.23
N LYS A 58 -3.35 -10.51 6.68
CA LYS A 58 -2.46 -9.56 6.02
C LYS A 58 -2.93 -9.37 4.61
N ARG A 59 -3.45 -10.44 4.01
CA ARG A 59 -4.00 -10.36 2.67
C ARG A 59 -5.31 -9.63 2.66
N ALA A 60 -5.40 -8.59 1.84
CA ALA A 60 -6.62 -7.81 1.81
C ALA A 60 -7.81 -8.72 1.40
N ALA A 61 -7.65 -9.55 0.35
CA ALA A 61 -8.70 -10.47 -0.11
C ALA A 61 -9.23 -11.46 0.96
N ASP A 62 -8.46 -11.66 2.02
CA ASP A 62 -8.90 -12.57 3.12
C ASP A 62 -9.66 -11.90 4.24
N ASN A 63 -9.81 -10.55 4.17
CA ASN A 63 -10.57 -9.80 5.17
C ASN A 63 -11.97 -9.49 4.67
N LYS A 64 -12.82 -8.95 5.55
CA LYS A 64 -14.14 -8.53 5.12
C LYS A 64 -14.13 -7.14 4.51
N SER A 65 -14.70 -7.02 3.31
CA SER A 65 -14.89 -5.70 2.64
CA SER A 65 -14.88 -5.70 2.67
C SER A 65 -16.00 -4.90 3.29
N LEU A 66 -15.70 -3.72 3.78
CA LEU A 66 -16.78 -2.88 4.30
C LEU A 66 -17.35 -1.96 3.23
N GLY A 67 -16.63 -1.76 2.13
CA GLY A 67 -17.11 -0.87 1.02
C GLY A 67 -15.87 -0.27 0.38
N GLN A 68 -16.05 0.44 -0.74
CA GLN A 68 -14.95 1.20 -1.28
C GLN A 68 -15.47 2.42 -1.99
N PHE A 69 -14.58 3.39 -2.18
CA PHE A 69 -14.93 4.63 -2.90
C PHE A 69 -13.64 5.17 -3.48
N ASN A 70 -13.76 6.07 -4.47
CA ASN A 70 -12.61 6.67 -5.16
C ASN A 70 -12.37 8.11 -4.74
N LEU A 71 -11.12 8.54 -4.66
CA LEU A 71 -10.82 9.94 -4.57
C LEU A 71 -10.15 10.27 -5.89
N ASP A 72 -10.71 11.18 -6.67
CA ASP A 72 -9.93 11.67 -7.85
C ASP A 72 -9.59 13.13 -7.80
N GLY A 73 -9.28 13.70 -8.97
CA GLY A 73 -8.85 15.07 -9.03
C GLY A 73 -7.47 15.28 -8.39
N ILE A 74 -6.72 14.20 -8.23
CA ILE A 74 -5.31 14.29 -7.82
C ILE A 74 -4.52 14.93 -8.97
N ASN A 75 -3.76 15.96 -8.64
CA ASN A 75 -3.05 16.69 -9.66
C ASN A 75 -1.81 15.93 -10.17
N PRO A 76 -1.46 16.13 -11.44
CA PRO A 76 -0.31 15.42 -12.04
C PRO A 76 0.96 15.52 -11.17
N ALA A 77 1.50 14.38 -10.71
CA ALA A 77 2.70 14.40 -9.85
C ALA A 77 3.43 13.07 -9.96
N PRO A 78 4.71 13.05 -9.56
CA PRO A 78 5.45 11.81 -9.53
C PRO A 78 4.80 10.89 -8.47
N ARG A 79 4.83 9.56 -8.69
CA ARG A 79 4.45 8.63 -7.61
C ARG A 79 5.12 9.01 -6.28
N GLY A 80 4.36 8.83 -5.21
CA GLY A 80 4.84 9.05 -3.87
C GLY A 80 4.83 10.47 -3.40
N MET A 81 4.48 11.40 -4.29
CA MET A 81 4.43 12.77 -3.82
C MET A 81 3.10 13.24 -3.22
N PRO A 82 1.96 12.89 -3.86
CA PRO A 82 0.70 13.34 -3.28
C PRO A 82 0.46 12.81 -1.84
N GLN A 83 -0.20 13.63 -1.04
CA GLN A 83 -0.50 13.29 0.33
C GLN A 83 -2.01 13.13 0.44
N ILE A 84 -2.39 11.88 0.55
CA ILE A 84 -3.77 11.48 0.68
C ILE A 84 -4.00 11.04 2.13
N GLU A 85 -4.61 11.90 2.92
CA GLU A 85 -4.89 11.59 4.31
C GLU A 85 -6.12 10.74 4.45
N VAL A 86 -5.95 9.55 5.02
CA VAL A 86 -7.12 8.74 5.27
C VAL A 86 -7.48 8.73 6.75
N THR A 87 -8.71 9.13 7.14
CA THR A 87 -9.10 9.11 8.57
C THR A 87 -10.21 8.08 8.82
N PHE A 88 -10.06 7.30 9.89
CA PHE A 88 -11.12 6.40 10.35
C PHE A 88 -11.63 7.01 11.65
N ASP A 89 -12.94 7.26 11.68
CA ASP A 89 -13.57 7.93 12.80
C ASP A 89 -14.78 7.10 13.21
N ILE A 90 -14.71 6.47 14.37
CA ILE A 90 -15.87 5.73 14.88
C ILE A 90 -16.48 6.49 16.02
N ASP A 91 -17.73 6.91 15.82
CA ASP A 91 -18.40 7.74 16.84
C ASP A 91 -18.99 6.96 18.02
N ALA A 92 -19.52 7.70 18.98
CA ALA A 92 -20.26 7.10 20.10
C ALA A 92 -21.34 6.06 19.68
N ASP A 93 -21.99 6.23 18.52
CA ASP A 93 -23.01 5.25 18.05
C ASP A 93 -22.44 3.96 17.42
N GLY A 94 -21.11 3.86 17.32
CA GLY A 94 -20.48 2.77 16.54
C GLY A 94 -20.51 2.84 15.02
N ILE A 95 -20.80 4.04 14.47
CA ILE A 95 -20.77 4.29 13.02
C ILE A 95 -19.33 4.65 12.63
N LEU A 96 -18.82 4.01 11.58
CA LEU A 96 -17.45 4.29 11.06
C LEU A 96 -17.56 5.26 9.89
N HIS A 97 -16.86 6.41 9.98
CA HIS A 97 -16.77 7.33 8.90
C HIS A 97 -15.35 7.21 8.35
N VAL A 98 -15.23 6.92 7.08
CA VAL A 98 -13.88 6.85 6.49
C VAL A 98 -13.77 7.98 5.50
N SER A 99 -12.76 8.81 5.60
CA SER A 99 -12.63 9.83 4.52
C SER A 99 -11.20 9.87 4.04
N ALA A 100 -11.05 10.33 2.81
CA ALA A 100 -9.76 10.52 2.19
C ALA A 100 -9.74 11.94 1.66
N LYS A 101 -8.66 12.62 2.00
CA LYS A 101 -8.49 14.00 1.63
C LYS A 101 -7.14 14.21 0.95
N ASP A 102 -7.14 14.88 -0.21
CA ASP A 102 -5.92 15.22 -0.96
C ASP A 102 -5.47 16.58 -0.37
N LYS A 103 -4.28 16.60 0.24
CA LYS A 103 -3.89 17.78 0.98
C LYS A 103 -3.53 18.90 0.03
N ASN A 104 -3.13 18.57 -1.19
CA ASN A 104 -2.91 19.61 -2.24
C ASN A 104 -4.23 20.28 -2.69
N SER A 105 -5.22 19.50 -3.11
CA SER A 105 -6.46 20.10 -3.65
C SER A 105 -7.45 20.41 -2.57
N GLY A 106 -7.36 19.73 -1.44
CA GLY A 106 -8.42 19.86 -0.44
C GLY A 106 -9.66 19.06 -0.82
N LYS A 107 -9.61 18.32 -1.94
CA LYS A 107 -10.74 17.49 -2.33
C LYS A 107 -10.90 16.31 -1.31
N GLU A 108 -12.13 15.96 -0.98
CA GLU A 108 -12.34 14.91 -0.02
C GLU A 108 -13.53 14.03 -0.42
N GLN A 109 -13.40 12.74 -0.15
CA GLN A 109 -14.53 11.80 -0.29
C GLN A 109 -14.64 10.92 0.95
N LYS A 110 -15.84 10.43 1.23
CA LYS A 110 -16.12 9.69 2.47
C LYS A 110 -16.96 8.51 2.13
N ILE A 111 -16.85 7.49 2.94
CA ILE A 111 -17.87 6.42 3.01
C ILE A 111 -18.30 6.36 4.50
N THR A 112 -19.57 6.18 4.74
CA THR A 112 -20.07 5.96 6.09
C THR A 112 -20.60 4.55 6.17
N ILE A 113 -20.23 3.83 7.22
CA ILE A 113 -20.49 2.40 7.35
C ILE A 113 -21.22 2.19 8.67
N LYS A 114 -22.45 1.74 8.56
CA LYS A 114 -23.36 1.52 9.69
C LYS A 114 -22.78 0.55 10.75
N ALA A 115 -23.21 0.73 12.01
CA ALA A 115 -22.67 -0.03 13.15
C ALA A 115 -22.85 -1.53 12.91
N SER A 116 -23.88 -1.87 12.11
CA SER A 116 -24.25 -3.27 11.90
C SER A 116 -23.50 -4.01 10.78
N SER A 117 -22.76 -3.28 9.98
CA SER A 117 -21.99 -3.84 8.88
C SER A 117 -20.88 -4.78 9.27
N GLY A 118 -20.28 -5.42 8.28
CA GLY A 118 -19.15 -6.30 8.52
C GLY A 118 -19.57 -7.65 9.09
N LEU A 119 -18.61 -8.31 9.73
CA LEU A 119 -18.76 -9.70 10.10
C LEU A 119 -19.58 -9.88 11.36
N ASN A 120 -20.46 -10.88 11.36
CA ASN A 120 -21.19 -11.18 12.58
C ASN A 120 -20.32 -11.95 13.60
N GLU A 121 -20.87 -12.24 14.76
CA GLU A 121 -20.11 -12.89 15.83
C GLU A 121 -19.33 -14.12 15.38
N ASP A 122 -20.00 -15.05 14.69
CA ASP A 122 -19.41 -16.33 14.31
C ASP A 122 -18.27 -16.12 13.30
N GLU A 123 -18.45 -15.17 12.39
CA GLU A 123 -17.38 -14.84 11.47
C GLU A 123 -16.25 -14.17 12.21
N ILE A 124 -16.57 -13.40 13.26
CA ILE A 124 -15.51 -12.70 13.99
C ILE A 124 -14.59 -13.74 14.64
N GLN A 125 -15.22 -14.73 15.28
CA GLN A 125 -14.48 -15.76 15.97
C GLN A 125 -13.68 -16.61 14.96
N LYS A 126 -14.28 -16.98 13.82
CA LYS A 126 -13.53 -17.68 12.76
C LYS A 126 -12.32 -16.86 12.28
N MET A 127 -12.54 -15.57 12.05
CA MET A 127 -11.47 -14.66 11.70
C MET A 127 -10.32 -14.64 12.72
N VAL A 128 -10.62 -14.61 14.02
CA VAL A 128 -9.54 -14.46 15.02
C VAL A 128 -8.71 -15.77 15.06
N ARG A 129 -9.40 -16.89 14.86
CA ARG A 129 -8.79 -18.22 14.77
C ARG A 129 -7.99 -18.35 13.47
N ASP A 130 -8.54 -17.88 12.35
CA ASP A 130 -7.82 -17.89 11.06
C ASP A 130 -6.53 -17.08 11.03
N ALA A 131 -6.55 -15.79 11.45
CA ALA A 131 -5.29 -15.02 11.58
C ALA A 131 -4.30 -15.86 12.38
N GLU A 132 -4.80 -16.49 13.47
CA GLU A 132 -3.88 -17.28 14.30
C GLU A 132 -3.43 -18.59 13.63
N ALA A 133 -4.32 -19.30 12.93
CA ALA A 133 -3.93 -20.51 12.20
C ALA A 133 -2.92 -20.16 11.10
N ASN A 134 -3.07 -18.99 10.52
CA ASN A 134 -2.29 -18.61 9.39
C ASN A 134 -1.22 -17.56 9.66
N ALA A 135 -0.74 -17.45 10.90
CA ALA A 135 0.19 -16.38 11.22
C ALA A 135 1.39 -16.49 10.31
N GLU A 136 1.84 -17.72 10.03
CA GLU A 136 3.06 -17.86 9.20
C GLU A 136 2.82 -17.53 7.73
N ALA A 137 1.77 -18.10 7.14
CA ALA A 137 1.44 -17.78 5.76
C ALA A 137 1.29 -16.28 5.58
N ASP A 138 0.68 -15.62 6.56
CA ASP A 138 0.50 -14.17 6.51
C ASP A 138 1.79 -13.38 6.65
N ARG A 139 2.69 -13.86 7.46
CA ARG A 139 3.99 -13.25 7.59
C ARG A 139 4.71 -13.32 6.27
N LYS A 140 4.75 -14.50 5.69
CA LYS A 140 5.39 -14.67 4.38
C LYS A 140 4.77 -13.77 3.32
N PHE A 141 3.44 -13.68 3.27
CA PHE A 141 2.82 -12.73 2.33
C PHE A 141 3.25 -11.28 2.60
N GLU A 142 3.26 -10.88 3.86
CA GLU A 142 3.64 -9.49 4.20
C GLU A 142 5.09 -9.20 3.67
N GLU A 143 5.98 -10.18 3.82
CA GLU A 143 7.41 -10.00 3.44
C GLU A 143 7.56 -9.98 1.94
N LEU A 144 6.70 -10.72 1.25
CA LEU A 144 6.65 -10.73 -0.21
C LEU A 144 6.17 -9.40 -0.75
N VAL A 145 5.13 -8.82 -0.11
CA VAL A 145 4.51 -7.58 -0.58
C VAL A 145 5.54 -6.48 -0.35
N GLN A 146 6.21 -6.55 0.78
CA GLN A 146 7.32 -5.61 1.09
C GLN A 146 8.46 -5.65 0.04
N THR A 147 8.95 -6.85 -0.26
CA THR A 147 9.98 -7.03 -1.25
C THR A 147 9.51 -6.50 -2.60
N ARG A 148 8.27 -6.88 -2.96
CA ARG A 148 7.71 -6.45 -4.25
C ARG A 148 7.65 -4.92 -4.34
N ASN A 149 7.28 -4.25 -3.25
CA ASN A 149 7.18 -2.80 -3.28
C ASN A 149 8.55 -2.17 -3.34
N GLN A 150 9.53 -2.81 -2.72
CA GLN A 150 10.90 -2.28 -2.77
C GLN A 150 11.46 -2.42 -4.17
N GLY A 151 11.08 -3.52 -4.81
CA GLY A 151 11.52 -3.81 -6.19
C GLY A 151 10.89 -2.81 -7.12
N ASP A 152 9.61 -2.54 -6.91
CA ASP A 152 8.91 -1.58 -7.72
C ASP A 152 9.60 -0.19 -7.53
N HIS A 153 9.83 0.24 -6.29
CA HIS A 153 10.66 1.42 -6.03
C HIS A 153 11.95 1.45 -6.81
N LEU A 154 12.74 0.39 -6.70
CA LEU A 154 14.01 0.31 -7.42
C LEU A 154 13.84 0.42 -8.93
N LEU A 155 12.86 -0.31 -9.46
CA LEU A 155 12.50 -0.25 -10.89
C LEU A 155 12.23 1.19 -11.34
N HIS A 156 11.32 1.85 -10.62
CA HIS A 156 10.93 3.14 -11.07
CA HIS A 156 10.86 3.20 -10.95
C HIS A 156 11.97 4.22 -10.83
N SER A 157 12.65 4.21 -9.67
CA SER A 157 13.71 5.17 -9.34
C SER A 157 14.90 5.03 -10.32
N THR A 158 15.26 3.79 -10.62
CA THR A 158 16.31 3.55 -11.57
C THR A 158 15.97 4.08 -12.94
N ARG A 159 14.79 3.80 -13.46
CA ARG A 159 14.43 4.33 -14.78
C ARG A 159 14.53 5.87 -14.83
N LYS A 160 14.07 6.54 -13.77
CA LYS A 160 14.14 8.00 -13.63
C LYS A 160 15.58 8.48 -13.65
N GLN A 161 16.43 7.83 -12.87
CA GLN A 161 17.86 8.09 -12.82
C GLN A 161 18.61 7.85 -14.16
N VAL A 162 18.30 6.81 -14.91
CA VAL A 162 18.83 6.64 -16.29
C VAL A 162 18.47 7.87 -17.18
N GLU A 163 17.18 8.23 -17.19
CA GLU A 163 16.75 9.45 -17.92
C GLU A 163 17.50 10.74 -17.52
N GLU A 164 17.65 11.02 -16.23
CA GLU A 164 18.46 12.18 -15.78
C GLU A 164 19.96 12.03 -16.03
N ALA A 165 20.47 10.79 -16.04
CA ALA A 165 21.83 10.50 -16.38
C ALA A 165 22.16 10.80 -17.86
N GLY A 166 21.29 10.41 -18.77
CA GLY A 166 21.53 10.62 -20.20
C GLY A 166 22.92 10.15 -20.63
N ASP A 167 23.66 11.02 -21.29
CA ASP A 167 24.99 10.68 -21.77
C ASP A 167 26.00 10.38 -20.69
N LYS A 168 25.77 10.87 -19.46
CA LYS A 168 26.75 10.66 -18.38
C LYS A 168 26.99 9.13 -18.14
N LEU A 169 25.95 8.35 -18.39
CA LEU A 169 26.01 6.89 -18.24
C LEU A 169 26.65 6.21 -19.46
N PRO A 170 27.78 5.48 -19.27
CA PRO A 170 28.39 4.70 -20.35
C PRO A 170 27.46 3.66 -20.99
N ALA A 171 27.61 3.51 -22.30
CA ALA A 171 26.92 2.50 -23.12
C ALA A 171 26.79 1.13 -22.45
N ASP A 172 27.91 0.54 -22.02
CA ASP A 172 27.92 -0.79 -21.37
C ASP A 172 27.05 -0.82 -20.10
N ASP A 173 27.16 0.20 -19.27
CA ASP A 173 26.36 0.32 -18.06
C ASP A 173 24.89 0.36 -18.37
N LYS A 174 24.52 1.08 -19.41
CA LYS A 174 23.13 1.28 -19.69
C LYS A 174 22.45 0.05 -20.28
N THR A 175 23.20 -0.70 -21.08
CA THR A 175 22.75 -2.01 -21.54
C THR A 175 22.51 -2.97 -20.38
N ALA A 176 23.48 -3.05 -19.47
CA ALA A 176 23.42 -3.98 -18.38
C ALA A 176 22.20 -3.65 -17.50
N ILE A 177 22.12 -2.38 -17.06
CA ILE A 177 20.95 -1.86 -16.33
C ILE A 177 19.55 -2.12 -16.97
N GLU A 178 19.38 -1.79 -18.25
CA GLU A 178 18.09 -2.02 -18.91
C GLU A 178 17.73 -3.50 -19.10
N SER A 179 18.72 -4.38 -19.26
CA SER A 179 18.41 -5.80 -19.24
C SER A 179 17.90 -6.27 -17.88
N ALA A 180 18.52 -5.73 -16.83
CA ALA A 180 18.19 -6.03 -15.48
C ALA A 180 16.85 -5.46 -15.11
N LEU A 181 16.49 -4.32 -15.68
CA LEU A 181 15.26 -3.68 -15.33
C LEU A 181 14.10 -4.46 -15.92
N THR A 182 14.28 -4.97 -17.13
CA THR A 182 13.28 -5.84 -17.77
C THR A 182 13.07 -7.10 -16.93
N ALA A 183 14.19 -7.76 -16.55
CA ALA A 183 14.09 -8.95 -15.73
C ALA A 183 13.37 -8.68 -14.36
N LEU A 184 13.70 -7.56 -13.71
CA LEU A 184 12.98 -7.21 -12.52
C LEU A 184 11.47 -6.89 -12.73
N GLU A 185 11.12 -6.13 -13.77
CA GLU A 185 9.73 -5.89 -14.16
C GLU A 185 8.98 -7.22 -14.30
N THR A 186 9.59 -8.19 -14.99
CA THR A 186 8.97 -9.53 -15.07
C THR A 186 8.82 -10.22 -13.70
N ALA A 187 9.84 -10.15 -12.88
CA ALA A 187 9.78 -10.86 -11.61
C ALA A 187 8.76 -10.23 -10.65
N LEU A 188 8.55 -8.93 -10.81
CA LEU A 188 7.54 -8.23 -10.00
C LEU A 188 6.15 -8.73 -10.28
N LYS A 189 5.95 -9.36 -11.46
CA LYS A 189 4.68 -10.00 -11.80
C LYS A 189 4.40 -11.32 -11.08
N GLY A 190 5.44 -11.96 -10.55
CA GLY A 190 5.26 -13.27 -9.91
C GLY A 190 5.01 -13.07 -8.43
N GLU A 191 5.24 -14.12 -7.66
CA GLU A 191 4.98 -14.15 -6.24
C GLU A 191 6.16 -14.81 -5.56
N ASP A 192 7.22 -14.99 -6.34
CA ASP A 192 8.49 -15.58 -5.86
C ASP A 192 9.36 -14.49 -5.29
N LYS A 193 9.44 -14.45 -3.97
CA LYS A 193 10.21 -13.42 -3.29
C LYS A 193 11.73 -13.52 -3.60
N ALA A 194 12.25 -14.75 -3.66
CA ALA A 194 13.70 -14.89 -3.93
C ALA A 194 14.03 -14.42 -5.33
N ALA A 195 13.15 -14.67 -6.28
CA ALA A 195 13.37 -14.28 -7.68
C ALA A 195 13.41 -12.77 -7.81
N ILE A 196 12.45 -12.08 -7.19
CA ILE A 196 12.51 -10.62 -7.10
C ILE A 196 13.80 -10.20 -6.45
N GLU A 197 14.18 -10.79 -5.30
CA GLU A 197 15.45 -10.34 -4.67
C GLU A 197 16.66 -10.58 -5.58
N ALA A 198 16.60 -11.61 -6.39
CA ALA A 198 17.68 -11.96 -7.32
C ALA A 198 17.75 -10.91 -8.44
N LYS A 199 16.61 -10.42 -8.92
CA LYS A 199 16.71 -9.43 -9.95
C LYS A 199 17.11 -8.09 -9.37
N MET A 200 16.67 -7.84 -8.15
CA MET A 200 17.10 -6.56 -7.50
C MET A 200 18.58 -6.48 -7.28
N GLN A 201 19.11 -7.60 -6.84
CA GLN A 201 20.55 -7.78 -6.65
C GLN A 201 21.36 -7.58 -7.92
N GLU A 202 20.89 -8.16 -9.00
CA GLU A 202 21.53 -8.00 -10.28
C GLU A 202 21.52 -6.55 -10.68
N LEU A 203 20.42 -5.83 -10.41
CA LEU A 203 20.32 -4.42 -10.76
C LEU A 203 21.32 -3.66 -9.86
N ALA A 204 21.42 -4.02 -8.59
CA ALA A 204 22.35 -3.31 -7.67
C ALA A 204 23.83 -3.48 -8.11
N GLN A 205 24.08 -4.66 -8.66
CA GLN A 205 25.40 -5.04 -9.11
C GLN A 205 25.75 -4.36 -10.38
N VAL A 206 24.80 -4.09 -11.27
CA VAL A 206 25.16 -3.45 -12.54
C VAL A 206 25.08 -1.90 -12.54
N SER A 207 24.49 -1.33 -11.49
CA SER A 207 24.11 0.09 -11.44
C SER A 207 25.09 0.96 -10.69
N GLN A 208 26.25 0.44 -10.29
CA GLN A 208 27.14 1.22 -9.39
C GLN A 208 27.61 2.54 -10.03
N LYS A 209 27.87 2.52 -11.34
CA LYS A 209 28.24 3.77 -12.01
C LYS A 209 27.05 4.71 -12.04
N LEU A 210 25.88 4.17 -12.42
CA LEU A 210 24.65 5.00 -12.33
C LEU A 210 24.39 5.64 -10.96
N MET A 211 24.62 4.90 -9.87
CA MET A 211 24.35 5.44 -8.55
C MET A 211 25.31 6.59 -8.27
N GLU A 212 26.51 6.49 -8.85
CA GLU A 212 27.54 7.52 -8.56
C GLU A 212 27.13 8.82 -9.26
N ILE A 213 26.67 8.64 -10.50
CA ILE A 213 26.18 9.73 -11.33
C ILE A 213 24.98 10.41 -10.67
N ALA A 214 23.99 9.60 -10.27
CA ALA A 214 22.78 10.10 -9.56
C ALA A 214 23.04 10.91 -8.26
N GLN A 215 23.96 10.39 -7.44
CA GLN A 215 24.43 11.04 -6.21
C GLN A 215 25.15 12.36 -6.58
N GLN A 216 25.98 12.30 -7.61
CA GLN A 216 26.71 13.53 -8.01
C GLN A 216 25.80 14.60 -8.59
N GLN A 217 24.75 14.21 -9.31
CA GLN A 217 23.81 15.21 -9.84
C GLN A 217 23.11 16.06 -8.75
N HIS A 218 22.97 15.53 -7.53
CA HIS A 218 22.25 16.28 -6.48
C HIS A 218 23.06 16.59 -5.22
N SER B 1 -12.63 1.38 -10.71
CA SER B 1 -11.73 1.98 -9.68
C SER B 1 -10.25 1.98 -10.08
N HIS B 2 -9.39 2.30 -9.11
CA HIS B 2 -7.99 2.54 -9.47
CA HIS B 2 -8.02 2.79 -9.29
C HIS B 2 -7.05 2.03 -8.43
N PRO B 3 -5.73 2.22 -8.64
CA PRO B 3 -4.81 1.63 -7.71
C PRO B 3 -5.12 2.01 -6.25
N ARG B 4 -4.66 1.14 -5.32
CA ARG B 4 -4.82 1.39 -3.91
C ARG B 4 -3.63 2.30 -3.62
N PRO B 5 -3.72 3.04 -2.52
CA PRO B 5 -2.66 3.92 -2.06
C PRO B 5 -1.40 3.18 -1.60
N ILE B 6 -0.28 3.87 -1.65
CA ILE B 6 0.94 3.27 -1.16
C ILE B 6 1.35 3.97 0.09
N ARG B 7 1.92 3.20 0.97
CA ARG B 7 2.37 3.68 2.23
C ARG B 7 3.71 4.26 1.98
N VAL B 8 3.97 5.48 2.35
CA VAL B 8 5.30 5.96 2.12
C VAL B 8 6.23 5.79 3.33
#